data_2WMF
#
_entry.id   2WMF
#
_cell.length_a   50.840
_cell.length_b   90.490
_cell.length_c   116.780
_cell.angle_alpha   90.00
_cell.angle_beta   90.00
_cell.angle_gamma   90.00
#
_symmetry.space_group_name_H-M   'P 21 21 21'
#
loop_
_entity.id
_entity.type
_entity.pdbx_description
1 polymer 'FUCOLECTIN-RELATED PROTEIN'
2 water water
#
_entity_poly.entity_id   1
_entity_poly.type   'polypeptide(L)'
_entity_poly.pdbx_seq_one_letter_code
;MGSSHHHHHHSSGLVPRGSHMAADNRVQMRTTINNESPLLLSPLYGNDNGNGLWWGNTLKGAWEAIPEDVKPYAAIELHP
AKVCKPTSCIPRDTKELREWYVKMLEEAQSLNIPVFLVIMSAGERNTVPPEWLDEQFQKYSVLKGVLNIENYWIYNNQLA
PHSAKYLEVCAKYGAHFIWHDHEKWFWETIMNDPTFFEASQKYHKNLVLATKNTPIRDDAGTDSIVSGFWLSGLCDNWGS
STDTWKWWEKHYTNTFETGRARDMRSYASEPESMIAMEMMNVYTGGGTVYNFECAAYTFMTNDVPTPAFTKGIIPFFRHA
IQNPAPSKEEVVNRTKAVFWNGEGRISSLNGFYQGLYSNDETMPLYNNGRYHILPVIHEKIDKEKISSIFPNAKILTKNS
EELSSKVNYLNSLYPKLYEGDGYAQRVGNSWYIYNSNANINKNQQVMLPMYTNNTKSLSLDLTPHTYAVVKENPNNLHIL
LNNYRTDKTAMWALSGNFDASKSWKKEELELANWISKNYSINPVDNDFRTTTLTLSGHTGHKPQINISGDKNHYTYTENW
DENTHVYTITVNHNGMVEMSI
;
_entity_poly.pdbx_strand_id   A
#
# COMPACT_ATOMS: atom_id res chain seq x y z
N VAL A 27 -23.17 17.69 7.59
CA VAL A 27 -22.87 16.52 8.47
C VAL A 27 -21.37 16.44 8.66
N GLN A 28 -20.90 16.16 9.87
CA GLN A 28 -19.47 16.07 10.05
C GLN A 28 -19.01 14.68 9.62
N MET A 29 -17.84 14.65 9.02
CA MET A 29 -17.25 13.39 8.61
C MET A 29 -16.95 12.55 9.86
N ARG A 30 -17.25 11.26 9.73
CA ARG A 30 -16.98 10.31 10.81
C ARG A 30 -15.50 9.96 11.01
N THR A 31 -14.73 10.10 9.93
CA THR A 31 -13.28 9.91 9.90
C THR A 31 -12.69 11.06 9.09
N THR A 32 -11.62 11.67 9.58
CA THR A 32 -10.88 12.67 8.85
C THR A 32 -9.74 11.92 8.13
N ILE A 33 -9.82 11.91 6.81
CA ILE A 33 -8.83 11.23 5.95
C ILE A 33 -8.28 12.24 4.96
N ASN A 34 -6.97 12.49 5.04
CA ASN A 34 -6.28 13.38 4.14
C ASN A 34 -4.78 13.14 4.36
N ASN A 35 -3.93 13.85 3.61
CA ASN A 35 -2.49 13.66 3.76
C ASN A 35 -1.95 13.87 5.18
N GLU A 36 -2.56 14.79 5.94
CA GLU A 36 -2.17 15.03 7.34
C GLU A 36 -2.82 14.07 8.34
N SER A 37 -3.74 13.21 7.86
CA SER A 37 -4.50 12.29 8.69
C SER A 37 -4.82 11.02 7.87
N PRO A 38 -3.80 10.20 7.60
CA PRO A 38 -4.02 8.98 6.83
C PRO A 38 -4.77 7.94 7.64
N LEU A 39 -5.17 6.86 6.98
CA LEU A 39 -5.96 5.80 7.60
C LEU A 39 -5.34 4.42 7.39
N LEU A 40 -5.13 3.73 8.52
CA LEU A 40 -4.64 2.33 8.50
C LEU A 40 -5.80 1.41 8.86
N LEU A 41 -6.13 0.48 7.96
CA LEU A 41 -7.10 -0.54 8.18
C LEU A 41 -6.42 -1.89 8.53
N SER A 42 -6.90 -2.51 9.58
CA SER A 42 -6.49 -3.84 10.01
C SER A 42 -7.70 -4.74 10.08
N PRO A 43 -7.66 -5.89 9.36
CA PRO A 43 -8.85 -6.70 9.21
C PRO A 43 -9.04 -7.90 10.15
N LEU A 44 -10.31 -8.12 10.52
CA LEU A 44 -10.79 -9.35 11.18
C LEU A 44 -11.82 -10.06 10.25
N TYR A 45 -11.94 -11.38 10.43
CA TYR A 45 -12.69 -12.26 9.52
C TYR A 45 -13.65 -13.15 10.31
N GLY A 46 -14.89 -13.23 9.82
CA GLY A 46 -15.89 -14.07 10.44
C GLY A 46 -15.60 -15.54 10.38
N ASN A 47 -15.88 -16.22 11.48
CA ASN A 47 -15.95 -17.68 11.53
C ASN A 47 -17.41 -18.08 11.74
N ASP A 48 -17.84 -19.17 11.11
CA ASP A 48 -19.24 -19.64 11.27
C ASP A 48 -19.31 -20.61 12.46
N ASN A 49 -18.57 -20.25 13.51
CA ASN A 49 -18.21 -21.14 14.63
C ASN A 49 -17.49 -20.35 15.75
N GLY A 50 -17.38 -20.98 16.91
CA GLY A 50 -16.54 -20.44 17.98
C GLY A 50 -17.01 -19.07 18.40
N ASN A 51 -16.07 -18.15 18.61
CA ASN A 51 -16.41 -16.78 18.99
C ASN A 51 -16.84 -15.87 17.82
N GLY A 52 -16.99 -16.49 16.64
CA GLY A 52 -17.34 -15.76 15.43
C GLY A 52 -16.20 -15.10 14.66
N LEU A 53 -14.93 -15.34 15.05
CA LEU A 53 -13.75 -14.79 14.28
C LEU A 53 -12.65 -15.84 14.00
N TRP A 54 -12.05 -15.71 12.83
CA TRP A 54 -11.02 -16.63 12.33
C TRP A 54 -9.64 -16.23 12.88
N TRP A 55 -8.67 -17.12 12.76
CA TRP A 55 -7.26 -16.85 13.13
C TRP A 55 -7.04 -16.60 14.62
N GLY A 56 -7.99 -17.04 15.44
CA GLY A 56 -7.84 -16.95 16.88
C GLY A 56 -7.89 -15.55 17.46
N ASN A 57 -8.37 -14.59 16.67
CA ASN A 57 -8.35 -13.21 17.07
C ASN A 57 -9.65 -12.78 17.74
N THR A 58 -9.57 -11.66 18.44
CA THR A 58 -10.75 -10.97 19.01
C THR A 58 -10.75 -9.49 18.61
N LEU A 59 -11.92 -8.84 18.66
CA LEU A 59 -11.99 -7.40 18.41
C LEU A 59 -11.18 -6.60 19.42
N LYS A 60 -11.34 -6.92 20.73
CA LYS A 60 -10.58 -6.26 21.76
C LYS A 60 -9.06 -6.39 21.49
N GLY A 61 -8.62 -7.59 21.12
CA GLY A 61 -7.21 -7.82 20.83
C GLY A 61 -6.70 -7.06 19.60
N ALA A 62 -7.55 -6.94 18.61
CA ALA A 62 -7.21 -6.20 17.40
C ALA A 62 -6.92 -4.74 17.75
N TRP A 63 -7.80 -4.12 18.55
CA TRP A 63 -7.59 -2.70 18.89
C TRP A 63 -6.41 -2.57 19.86
N GLU A 64 -6.23 -3.54 20.75
CA GLU A 64 -5.02 -3.56 21.60
C GLU A 64 -3.72 -3.58 20.79
N ALA A 65 -3.77 -4.19 19.61
CA ALA A 65 -2.60 -4.31 18.75
C ALA A 65 -2.16 -2.99 18.11
N ILE A 66 -3.07 -2.01 18.08
CA ILE A 66 -2.82 -0.74 17.39
C ILE A 66 -2.14 0.20 18.39
N PRO A 67 -0.89 0.61 18.09
CA PRO A 67 -0.22 1.49 19.04
C PRO A 67 -1.00 2.77 19.32
N GLU A 68 -0.80 3.32 20.52
CA GLU A 68 -1.60 4.48 20.92
C GLU A 68 -1.44 5.68 20.00
N ASP A 69 -0.23 5.92 19.49
CA ASP A 69 0.00 7.04 18.56
C ASP A 69 -0.63 6.83 17.19
N VAL A 70 -0.93 5.56 16.87
CA VAL A 70 -1.51 5.17 15.60
C VAL A 70 -3.05 5.14 15.64
N LYS A 71 -3.61 4.83 16.81
CA LYS A 71 -5.05 4.74 16.98
C LYS A 71 -5.89 5.91 16.39
N PRO A 72 -5.45 7.17 16.55
CA PRO A 72 -6.24 8.24 15.93
C PRO A 72 -6.38 8.19 14.42
N TYR A 73 -5.56 7.34 13.78
CA TYR A 73 -5.43 7.20 12.34
C TYR A 73 -5.73 5.77 11.88
N ALA A 74 -6.50 5.06 12.67
CA ALA A 74 -6.75 3.61 12.46
C ALA A 74 -8.21 3.20 12.59
N ALA A 75 -8.54 2.06 12.01
CA ALA A 75 -9.82 1.42 12.16
C ALA A 75 -9.68 -0.05 11.86
N ILE A 76 -10.69 -0.80 12.28
CA ILE A 76 -10.76 -2.22 12.09
C ILE A 76 -11.78 -2.58 11.00
N GLU A 77 -11.33 -3.38 10.04
CA GLU A 77 -12.21 -3.89 8.96
C GLU A 77 -12.83 -5.21 9.46
N LEU A 78 -14.14 -5.33 9.25
CA LEU A 78 -14.88 -6.50 9.63
C LEU A 78 -15.38 -7.18 8.37
N HIS A 79 -14.78 -8.33 8.05
CA HIS A 79 -15.09 -9.10 6.85
C HIS A 79 -15.84 -10.37 7.28
N PRO A 80 -17.07 -10.56 6.79
CA PRO A 80 -17.87 -11.68 7.30
C PRO A 80 -17.29 -13.04 6.94
N ALA A 81 -16.51 -13.10 5.84
CA ALA A 81 -15.68 -14.29 5.55
C ALA A 81 -16.48 -15.60 5.65
N LYS A 82 -16.18 -16.46 6.63
CA LYS A 82 -16.79 -17.83 6.67
C LYS A 82 -18.26 -17.82 7.06
N VAL A 83 -18.76 -16.70 7.56
CA VAL A 83 -20.18 -16.53 7.86
C VAL A 83 -20.99 -16.51 6.56
N CYS A 84 -20.38 -16.10 5.45
CA CYS A 84 -21.05 -16.04 4.17
C CYS A 84 -21.35 -17.44 3.63
N LYS A 85 -22.53 -17.54 3.03
CA LYS A 85 -23.05 -18.79 2.44
C LYS A 85 -23.78 -18.49 1.14
N PRO A 86 -23.60 -19.34 0.11
CA PRO A 86 -22.82 -20.60 0.07
C PRO A 86 -21.31 -20.52 -0.05
N THR A 87 -20.75 -19.34 -0.35
CA THR A 87 -19.32 -19.22 -0.56
C THR A 87 -18.67 -18.28 0.46
N SER A 88 -17.66 -18.78 1.17
CA SER A 88 -16.88 -17.93 2.11
C SER A 88 -16.43 -16.65 1.39
N CYS A 89 -16.61 -15.54 2.09
CA CYS A 89 -16.23 -14.18 1.68
C CYS A 89 -17.12 -13.50 0.68
N ILE A 90 -18.17 -14.18 0.21
CA ILE A 90 -19.10 -13.60 -0.76
C ILE A 90 -20.41 -13.26 -0.03
N PRO A 91 -20.61 -11.95 0.26
CA PRO A 91 -21.61 -11.49 1.25
C PRO A 91 -23.05 -11.40 0.75
N ARG A 92 -23.59 -12.56 0.35
CA ARG A 92 -25.00 -12.66 0.05
C ARG A 92 -25.82 -12.39 1.31
N ASP A 93 -26.81 -11.52 1.18
CA ASP A 93 -27.72 -11.17 2.28
C ASP A 93 -28.42 -12.41 2.85
N THR A 94 -28.18 -12.69 4.14
CA THR A 94 -28.85 -13.73 4.89
C THR A 94 -29.13 -13.27 6.30
N LYS A 95 -30.02 -13.99 6.98
CA LYS A 95 -30.24 -13.74 8.43
C LYS A 95 -28.93 -13.84 9.25
N GLU A 96 -28.11 -14.84 8.96
CA GLU A 96 -26.87 -15.07 9.68
C GLU A 96 -25.86 -13.95 9.40
N LEU A 97 -25.80 -13.48 8.15
CA LEU A 97 -24.91 -12.35 7.81
C LEU A 97 -25.24 -11.10 8.63
N ARG A 98 -26.52 -10.72 8.62
CA ARG A 98 -26.95 -9.51 9.32
C ARG A 98 -26.68 -9.68 10.85
N GLU A 99 -26.99 -10.86 11.36
CA GLU A 99 -26.77 -11.18 12.78
C GLU A 99 -25.30 -10.98 13.17
N TRP A 100 -24.41 -11.45 12.29
CA TRP A 100 -22.98 -11.31 12.52
C TRP A 100 -22.57 -9.84 12.51
N TYR A 101 -23.01 -9.09 11.50
CA TYR A 101 -22.69 -7.64 11.45
C TYR A 101 -23.12 -6.94 12.74
N VAL A 102 -24.35 -7.22 13.17
CA VAL A 102 -24.92 -6.60 14.38
C VAL A 102 -24.17 -7.03 15.62
N LYS A 103 -23.88 -8.31 15.75
CA LYS A 103 -23.01 -8.80 16.84
C LYS A 103 -21.71 -8.02 16.93
N MET A 104 -21.03 -7.87 15.78
CA MET A 104 -19.75 -7.19 15.77
C MET A 104 -19.88 -5.68 16.03
N LEU A 105 -20.94 -5.09 15.51
CA LEU A 105 -21.24 -3.68 15.76
C LEU A 105 -21.50 -3.41 17.25
N GLU A 106 -22.27 -4.29 17.86
CA GLU A 106 -22.53 -4.18 19.30
C GLU A 106 -21.24 -4.21 20.13
N GLU A 107 -20.38 -5.16 19.79
CA GLU A 107 -19.12 -5.31 20.51
C GLU A 107 -18.24 -4.08 20.27
N ALA A 108 -18.11 -3.65 19.01
CA ALA A 108 -17.30 -2.45 18.70
C ALA A 108 -17.83 -1.20 19.40
N GLN A 109 -19.14 -1.04 19.39
CA GLN A 109 -19.75 0.15 20.04
C GLN A 109 -19.45 0.14 21.53
N SER A 110 -19.56 -1.02 22.18
CA SER A 110 -19.28 -1.11 23.62
C SER A 110 -17.81 -0.76 23.99
N LEU A 111 -16.89 -1.03 23.05
CA LEU A 111 -15.46 -0.74 23.22
C LEU A 111 -14.94 0.54 22.55
N ASN A 112 -15.85 1.28 21.93
CA ASN A 112 -15.51 2.48 21.15
C ASN A 112 -14.45 2.27 20.07
N ILE A 113 -14.57 1.16 19.39
CA ILE A 113 -13.58 0.81 18.33
C ILE A 113 -14.15 1.19 16.96
N PRO A 114 -13.46 2.05 16.19
CA PRO A 114 -13.96 2.42 14.84
C PRO A 114 -13.89 1.23 13.87
N VAL A 115 -14.99 0.96 13.18
CA VAL A 115 -15.04 -0.15 12.26
C VAL A 115 -15.62 0.21 10.89
N PHE A 116 -15.20 -0.59 9.88
CA PHE A 116 -15.78 -0.61 8.55
C PHE A 116 -16.22 -2.05 8.24
N LEU A 117 -17.39 -2.20 7.62
CA LEU A 117 -17.96 -3.51 7.25
C LEU A 117 -17.70 -3.78 5.77
N VAL A 118 -17.23 -4.98 5.46
CA VAL A 118 -17.15 -5.45 4.07
C VAL A 118 -18.54 -5.95 3.70
N ILE A 119 -19.23 -5.22 2.84
CA ILE A 119 -20.60 -5.56 2.41
C ILE A 119 -20.74 -5.98 0.96
N MET A 120 -19.66 -5.83 0.17
CA MET A 120 -19.65 -6.25 -1.22
C MET A 120 -18.33 -6.94 -1.55
N SER A 121 -18.41 -8.07 -2.27
CA SER A 121 -17.23 -8.77 -2.75
C SER A 121 -17.57 -9.82 -3.81
N ALA A 122 -16.62 -10.05 -4.69
CA ALA A 122 -16.62 -11.18 -5.62
C ALA A 122 -17.96 -11.31 -6.39
N GLY A 123 -18.45 -10.18 -6.94
CA GLY A 123 -19.58 -10.21 -7.84
C GLY A 123 -20.95 -10.33 -7.24
N GLU A 124 -21.04 -10.36 -5.90
CA GLU A 124 -22.36 -10.61 -5.30
C GLU A 124 -23.35 -9.49 -5.62
N ARG A 125 -24.51 -9.86 -6.16
CA ARG A 125 -25.56 -8.93 -6.57
C ARG A 125 -26.58 -8.72 -5.43
N ASN A 126 -26.74 -9.71 -4.57
CA ASN A 126 -27.80 -9.66 -3.52
C ASN A 126 -27.19 -9.41 -2.16
N THR A 127 -26.66 -8.19 -2.01
CA THR A 127 -25.97 -7.73 -0.79
C THR A 127 -27.00 -7.01 0.09
N VAL A 128 -26.59 -6.61 1.29
CA VAL A 128 -27.53 -6.04 2.27
C VAL A 128 -28.18 -4.79 1.70
N PRO A 129 -29.48 -4.60 2.01
CA PRO A 129 -30.16 -3.42 1.47
C PRO A 129 -29.57 -2.09 1.91
N PRO A 130 -29.55 -1.09 1.03
CA PRO A 130 -29.12 0.24 1.51
C PRO A 130 -29.90 0.77 2.72
N GLU A 131 -31.20 0.49 2.76
CA GLU A 131 -32.02 0.86 3.93
C GLU A 131 -31.49 0.23 5.25
N TRP A 132 -31.04 -1.02 5.21
CA TRP A 132 -30.44 -1.68 6.36
C TRP A 132 -29.15 -1.01 6.79
N LEU A 133 -28.30 -0.66 5.84
CA LEU A 133 -27.07 0.05 6.17
C LEU A 133 -27.36 1.42 6.81
N ASP A 134 -28.33 2.14 6.22
CA ASP A 134 -28.79 3.45 6.73
C ASP A 134 -29.15 3.33 8.24
N GLU A 135 -29.91 2.28 8.57
CA GLU A 135 -30.29 1.97 9.97
C GLU A 135 -29.08 1.74 10.84
N GLN A 136 -28.08 1.04 10.32
CA GLN A 136 -26.90 0.78 11.10
C GLN A 136 -26.10 2.06 11.38
N PHE A 137 -26.00 2.95 10.39
CA PHE A 137 -25.34 4.25 10.61
C PHE A 137 -26.07 5.07 11.69
N GLN A 138 -27.40 5.00 11.69
CA GLN A 138 -28.18 5.75 12.68
C GLN A 138 -27.86 5.25 14.08
N LYS A 139 -27.74 3.95 14.22
CA LYS A 139 -27.61 3.33 15.53
C LYS A 139 -26.19 3.33 16.11
N TYR A 140 -25.18 3.22 15.24
CA TYR A 140 -23.81 2.96 15.68
C TYR A 140 -22.85 4.09 15.26
N SER A 141 -22.43 4.89 16.23
CA SER A 141 -21.45 5.94 15.97
C SER A 141 -20.07 5.35 15.56
N VAL A 142 -19.78 4.12 16.00
CA VAL A 142 -18.50 3.46 15.62
C VAL A 142 -18.47 3.00 14.16
N LEU A 143 -19.61 2.95 13.49
CA LEU A 143 -19.65 2.50 12.10
C LEU A 143 -19.18 3.65 11.21
N LYS A 144 -17.98 3.51 10.65
CA LYS A 144 -17.32 4.57 9.90
C LYS A 144 -17.48 4.46 8.39
N GLY A 145 -18.01 3.34 7.91
CA GLY A 145 -18.17 3.13 6.48
C GLY A 145 -18.18 1.67 6.12
N VAL A 146 -18.05 1.42 4.82
CA VAL A 146 -18.16 0.07 4.27
C VAL A 146 -17.14 -0.12 3.15
N LEU A 147 -16.88 -1.38 2.82
CA LEU A 147 -15.92 -1.78 1.79
C LEU A 147 -16.56 -2.69 0.73
N ASN A 148 -16.13 -2.46 -0.51
CA ASN A 148 -16.33 -3.35 -1.62
C ASN A 148 -14.93 -3.81 -2.00
N ILE A 149 -14.72 -5.12 -2.03
CA ILE A 149 -13.38 -5.69 -2.27
C ILE A 149 -13.43 -6.78 -3.31
N GLU A 150 -12.64 -6.63 -4.39
CA GLU A 150 -12.25 -7.73 -5.29
C GLU A 150 -13.36 -8.23 -6.22
N ASN A 151 -13.31 -7.80 -7.47
CA ASN A 151 -14.29 -8.18 -8.49
C ASN A 151 -13.71 -8.37 -9.89
N TYR A 152 -12.39 -8.19 -10.03
CA TYR A 152 -11.76 -8.19 -11.37
C TYR A 152 -11.96 -9.54 -12.11
N TRP A 153 -12.15 -10.62 -11.37
CA TRP A 153 -12.33 -11.93 -11.99
C TRP A 153 -13.78 -12.36 -12.20
N ILE A 154 -14.70 -11.47 -11.82
CA ILE A 154 -16.13 -11.84 -11.72
C ILE A 154 -17.02 -10.61 -11.86
N TYR A 155 -16.68 -9.79 -12.85
CA TYR A 155 -17.38 -8.52 -13.05
C TYR A 155 -18.83 -8.75 -13.52
N ASN A 156 -19.73 -7.88 -13.06
CA ASN A 156 -21.08 -7.77 -13.66
C ASN A 156 -21.56 -6.32 -13.56
N ASN A 157 -22.60 -6.01 -14.30
CA ASN A 157 -23.04 -4.62 -14.48
C ASN A 157 -23.83 -4.04 -13.29
N GLN A 158 -24.07 -4.83 -12.25
CA GLN A 158 -24.73 -4.32 -11.03
C GLN A 158 -23.77 -3.71 -9.98
N LEU A 159 -22.48 -4.02 -10.09
CA LEU A 159 -21.52 -3.66 -9.05
C LEU A 159 -21.33 -2.15 -8.95
N ALA A 160 -21.23 -1.50 -10.08
CA ALA A 160 -21.04 -0.03 -10.06
C ALA A 160 -22.31 0.69 -9.55
N PRO A 161 -23.49 0.38 -10.12
CA PRO A 161 -24.71 1.03 -9.57
C PRO A 161 -24.99 0.73 -8.09
N HIS A 162 -24.74 -0.49 -7.66
CA HIS A 162 -24.97 -0.84 -6.26
C HIS A 162 -24.00 -0.03 -5.38
N SER A 163 -22.75 0.06 -5.83
CA SER A 163 -21.74 0.83 -5.10
C SER A 163 -22.15 2.30 -4.99
N ALA A 164 -22.69 2.84 -6.06
CA ALA A 164 -23.19 4.23 -6.10
C ALA A 164 -24.29 4.44 -5.04
N LYS A 165 -25.18 3.47 -4.90
CA LYS A 165 -26.26 3.62 -3.91
C LYS A 165 -25.68 3.59 -2.50
N TYR A 166 -24.76 2.67 -2.24
CA TYR A 166 -24.16 2.64 -0.90
C TYR A 166 -23.34 3.90 -0.61
N LEU A 167 -22.64 4.42 -1.63
CA LEU A 167 -21.90 5.67 -1.47
C LEU A 167 -22.85 6.82 -1.04
N GLU A 168 -24.03 6.90 -1.68
CA GLU A 168 -25.04 7.91 -1.31
C GLU A 168 -25.44 7.79 0.17
N VAL A 169 -25.66 6.57 0.63
CA VAL A 169 -25.98 6.33 2.05
C VAL A 169 -24.80 6.81 2.93
N CYS A 170 -23.58 6.46 2.54
CA CYS A 170 -22.41 6.91 3.25
C CYS A 170 -22.40 8.43 3.37
N ALA A 171 -22.68 9.12 2.26
CA ALA A 171 -22.63 10.59 2.24
C ALA A 171 -23.65 11.19 3.21
N LYS A 172 -24.78 10.52 3.36
CA LYS A 172 -25.83 10.98 4.28
C LYS A 172 -25.33 11.05 5.73
N TYR A 173 -24.40 10.16 6.08
CA TYR A 173 -23.95 9.97 7.45
C TYR A 173 -22.49 10.38 7.68
N GLY A 174 -21.85 11.01 6.70
CA GLY A 174 -20.46 11.43 6.85
C GLY A 174 -19.47 10.28 6.86
N ALA A 175 -19.89 9.16 6.27
CA ALA A 175 -19.10 7.96 6.25
C ALA A 175 -18.32 7.81 4.94
N HIS A 176 -17.47 6.78 4.89
CA HIS A 176 -16.67 6.49 3.67
C HIS A 176 -17.03 5.12 3.04
N PHE A 177 -17.11 5.13 1.72
CA PHE A 177 -17.22 3.92 0.91
C PHE A 177 -15.84 3.69 0.32
N ILE A 178 -15.29 2.52 0.62
CA ILE A 178 -13.90 2.17 0.23
C ILE A 178 -13.96 0.99 -0.73
N TRP A 179 -13.48 1.22 -1.96
CA TRP A 179 -13.53 0.19 -3.02
C TRP A 179 -12.11 -0.26 -3.42
N HIS A 180 -11.75 -1.50 -3.07
CA HIS A 180 -10.46 -2.10 -3.44
C HIS A 180 -10.66 -2.97 -4.66
N ASP A 181 -9.91 -2.68 -5.73
CA ASP A 181 -10.00 -3.49 -6.96
C ASP A 181 -8.83 -3.17 -7.86
N HIS A 182 -8.75 -3.83 -9.01
CA HIS A 182 -7.51 -3.87 -9.76
C HIS A 182 -7.77 -4.08 -11.24
N GLU A 183 -6.75 -3.71 -12.03
CA GLU A 183 -6.62 -3.89 -13.47
C GLU A 183 -7.13 -2.71 -14.25
N LYS A 184 -6.45 -2.42 -15.34
CA LYS A 184 -6.75 -1.23 -16.14
C LYS A 184 -8.16 -1.31 -16.73
N TRP A 185 -8.47 -2.39 -17.45
CA TRP A 185 -9.80 -2.52 -18.11
C TRP A 185 -10.92 -2.40 -17.06
N PHE A 186 -10.67 -2.94 -15.85
CA PHE A 186 -11.67 -3.02 -14.81
C PHE A 186 -12.03 -1.59 -14.34
N TRP A 187 -11.02 -0.85 -13.93
CA TRP A 187 -11.26 0.50 -13.45
C TRP A 187 -11.79 1.39 -14.57
N GLU A 188 -11.34 1.17 -15.80
CA GLU A 188 -11.90 1.92 -16.95
C GLU A 188 -13.43 1.66 -17.01
N THR A 189 -13.80 0.41 -16.79
CA THR A 189 -15.19 0.00 -16.92
C THR A 189 -16.04 0.57 -15.81
N ILE A 190 -15.51 0.57 -14.60
CA ILE A 190 -16.28 1.12 -13.45
C ILE A 190 -16.64 2.58 -13.67
N MET A 191 -15.68 3.40 -14.05
CA MET A 191 -15.92 4.85 -14.18
C MET A 191 -16.62 5.24 -15.49
N ASN A 192 -16.69 4.33 -16.47
CA ASN A 192 -17.62 4.50 -17.61
C ASN A 192 -19.09 4.27 -17.25
N ASP A 193 -19.36 3.64 -16.10
CA ASP A 193 -20.76 3.46 -15.66
C ASP A 193 -21.38 4.82 -15.34
N PRO A 194 -22.51 5.17 -15.99
CA PRO A 194 -23.04 6.51 -15.74
C PRO A 194 -23.50 6.74 -14.32
N THR A 195 -24.02 5.71 -13.67
CA THR A 195 -24.50 5.84 -12.29
C THR A 195 -23.34 6.12 -11.33
N PHE A 196 -22.28 5.33 -11.45
CA PHE A 196 -21.13 5.49 -10.57
C PHE A 196 -20.34 6.77 -10.86
N PHE A 197 -20.20 7.12 -12.14
CA PHE A 197 -19.53 8.39 -12.51
C PHE A 197 -20.27 9.60 -11.90
N GLU A 198 -21.59 9.62 -12.04
CA GLU A 198 -22.41 10.67 -11.43
C GLU A 198 -22.26 10.68 -9.90
N ALA A 199 -22.38 9.51 -9.27
CA ALA A 199 -22.20 9.43 -7.79
C ALA A 199 -20.82 9.91 -7.33
N SER A 200 -19.80 9.58 -8.12
CA SER A 200 -18.43 10.01 -7.78
C SER A 200 -18.28 11.55 -7.82
N GLN A 201 -18.88 12.14 -8.83
CA GLN A 201 -18.84 13.59 -8.96
C GLN A 201 -19.57 14.29 -7.81
N LYS A 202 -20.64 13.68 -7.31
CA LYS A 202 -21.41 14.28 -6.21
C LYS A 202 -20.76 14.02 -4.84
N TYR A 203 -20.30 12.77 -4.66
CA TYR A 203 -19.97 12.28 -3.32
C TYR A 203 -18.50 11.92 -3.18
N HIS A 204 -17.67 12.56 -4.00
CA HIS A 204 -16.21 12.36 -3.97
C HIS A 204 -15.64 12.47 -2.52
N LYS A 205 -16.18 13.38 -1.69
CA LYS A 205 -15.71 13.49 -0.29
C LYS A 205 -15.74 12.15 0.46
N ASN A 206 -16.74 11.33 0.17
CA ASN A 206 -17.02 10.09 0.93
C ASN A 206 -16.48 8.84 0.26
N LEU A 207 -15.76 9.03 -0.85
CA LEU A 207 -15.31 7.88 -1.67
C LEU A 207 -13.79 7.72 -1.56
N VAL A 208 -13.35 6.48 -1.37
CA VAL A 208 -11.94 6.10 -1.48
C VAL A 208 -11.85 5.00 -2.53
N LEU A 209 -11.06 5.23 -3.58
CA LEU A 209 -10.81 4.21 -4.61
C LEU A 209 -9.39 3.69 -4.34
N ALA A 210 -9.20 2.37 -4.43
CA ALA A 210 -7.95 1.76 -3.98
C ALA A 210 -7.58 0.52 -4.77
N THR A 211 -6.28 0.28 -4.84
CA THR A 211 -5.79 -0.83 -5.60
C THR A 211 -5.93 -2.15 -4.81
N LYS A 212 -5.68 -3.25 -5.49
CA LYS A 212 -5.58 -4.58 -4.84
C LYS A 212 -4.80 -5.52 -5.76
N ASN A 213 -3.49 -5.55 -5.56
CA ASN A 213 -2.55 -6.13 -6.54
C ASN A 213 -2.33 -7.66 -6.51
N THR A 214 -3.27 -8.35 -5.90
CA THR A 214 -3.37 -9.81 -5.90
C THR A 214 -3.17 -10.49 -7.28
N PRO A 215 -3.87 -10.01 -8.33
CA PRO A 215 -3.87 -10.79 -9.58
C PRO A 215 -2.62 -10.63 -10.46
N ILE A 216 -1.57 -9.99 -9.92
CA ILE A 216 -0.26 -9.98 -10.55
C ILE A 216 -0.31 -9.57 -12.00
N ARG A 217 -0.99 -8.46 -12.23
CA ARG A 217 -1.11 -7.83 -13.56
C ARG A 217 -1.42 -6.35 -13.34
N ASP A 218 -0.99 -5.52 -14.28
CA ASP A 218 -1.42 -4.15 -14.34
C ASP A 218 -1.07 -3.33 -13.13
N ASP A 219 0.04 -3.63 -12.43
CA ASP A 219 0.33 -2.87 -11.20
C ASP A 219 0.60 -1.37 -11.45
N ALA A 220 1.35 -1.05 -12.51
CA ALA A 220 1.72 0.35 -12.82
C ALA A 220 0.45 1.07 -13.37
N GLY A 221 -0.24 0.44 -14.30
CA GLY A 221 -1.43 1.03 -14.86
C GLY A 221 -2.51 1.30 -13.81
N THR A 222 -2.62 0.41 -12.83
CA THR A 222 -3.66 0.53 -11.83
C THR A 222 -3.34 1.73 -10.93
N ASP A 223 -2.10 1.84 -10.51
CA ASP A 223 -1.65 3.01 -9.73
C ASP A 223 -1.94 4.30 -10.50
N SER A 224 -1.68 4.32 -11.80
CA SER A 224 -1.86 5.52 -12.64
C SER A 224 -3.34 5.92 -12.70
N ILE A 225 -4.21 4.95 -12.93
CA ILE A 225 -5.63 5.20 -13.11
C ILE A 225 -6.29 5.57 -11.78
N VAL A 226 -5.98 4.82 -10.74
CA VAL A 226 -6.63 5.06 -9.43
C VAL A 226 -6.17 6.42 -8.87
N SER A 227 -4.87 6.69 -8.88
CA SER A 227 -4.42 8.00 -8.43
C SER A 227 -4.95 9.08 -9.41
N GLY A 228 -5.11 8.75 -10.67
CA GLY A 228 -5.71 9.67 -11.66
C GLY A 228 -7.15 10.06 -11.31
N PHE A 229 -7.93 9.12 -10.77
CA PHE A 229 -9.31 9.43 -10.29
C PHE A 229 -9.29 10.49 -9.19
N TRP A 230 -8.35 10.37 -8.28
CA TRP A 230 -8.17 11.30 -7.15
C TRP A 230 -7.79 12.67 -7.74
N LEU A 231 -6.81 12.69 -8.66
CA LEU A 231 -6.36 13.96 -9.27
C LEU A 231 -7.48 14.62 -10.08
N SER A 232 -8.41 13.81 -10.60
CA SER A 232 -9.54 14.28 -11.40
C SER A 232 -10.76 14.74 -10.58
N GLY A 233 -10.65 14.62 -9.26
CA GLY A 233 -11.72 15.04 -8.35
C GLY A 233 -12.85 14.07 -8.17
N LEU A 234 -12.66 12.81 -8.59
CA LEU A 234 -13.71 11.79 -8.47
C LEU A 234 -13.73 11.05 -7.11
N CYS A 235 -12.65 11.15 -6.34
CA CYS A 235 -12.61 10.60 -4.97
C CYS A 235 -11.62 11.48 -4.18
N ASP A 236 -11.89 11.74 -2.91
CA ASP A 236 -11.01 12.67 -2.19
C ASP A 236 -9.74 12.02 -1.64
N ASN A 237 -9.73 10.69 -1.65
CA ASN A 237 -8.59 9.91 -1.18
C ASN A 237 -8.48 8.67 -2.04
N TRP A 238 -7.25 8.22 -2.22
CA TRP A 238 -7.01 6.90 -2.80
C TRP A 238 -6.06 6.09 -1.91
N GLY A 239 -5.96 4.80 -2.21
CA GLY A 239 -4.98 3.98 -1.53
C GLY A 239 -4.87 2.59 -2.08
N SER A 240 -4.58 1.64 -1.19
CA SER A 240 -4.23 0.27 -1.57
C SER A 240 -4.65 -0.76 -0.56
N SER A 241 -4.94 -1.95 -1.08
CA SER A 241 -4.85 -3.18 -0.30
C SER A 241 -3.60 -3.89 -0.80
N THR A 242 -2.60 -3.95 0.04
CA THR A 242 -1.30 -4.55 -0.25
C THR A 242 -1.44 -6.04 0.12
N ASP A 243 -1.38 -6.92 -0.89
CA ASP A 243 -1.77 -8.33 -0.67
C ASP A 243 -0.60 -9.27 -0.86
N THR A 244 -0.18 -9.91 0.24
CA THR A 244 0.98 -10.84 0.20
C THR A 244 0.63 -12.18 -0.49
N TRP A 245 -0.67 -12.40 -0.76
CA TRP A 245 -1.07 -13.52 -1.64
C TRP A 245 -0.42 -13.38 -3.02
N LYS A 246 0.02 -12.18 -3.41
CA LYS A 246 0.79 -12.05 -4.68
C LYS A 246 1.97 -13.05 -4.73
N TRP A 247 2.57 -13.28 -3.56
CA TRP A 247 3.76 -14.12 -3.47
C TRP A 247 3.39 -15.56 -3.91
N TRP A 248 2.22 -16.02 -3.46
CA TRP A 248 1.61 -17.33 -3.85
C TRP A 248 1.24 -17.33 -5.33
N GLU A 249 0.65 -16.24 -5.81
CA GLU A 249 0.25 -16.14 -7.24
C GLU A 249 1.47 -16.30 -8.18
N LYS A 250 2.61 -15.76 -7.74
CA LYS A 250 3.90 -15.83 -8.48
C LYS A 250 4.59 -17.17 -8.39
N HIS A 251 4.06 -18.04 -7.54
CA HIS A 251 4.64 -19.37 -7.20
C HIS A 251 5.97 -19.23 -6.43
N TYR A 252 6.16 -18.11 -5.72
CA TYR A 252 7.32 -17.90 -4.92
C TYR A 252 7.16 -18.58 -3.56
N THR A 253 8.30 -18.88 -2.93
CA THR A 253 8.36 -19.62 -1.66
C THR A 253 9.30 -18.90 -0.67
N ASN A 254 10.31 -19.58 -0.14
CA ASN A 254 11.31 -18.89 0.71
C ASN A 254 12.01 -17.80 -0.09
N THR A 255 12.49 -16.76 0.57
CA THR A 255 13.11 -15.65 -0.15
C THR A 255 14.24 -16.17 -1.08
N PHE A 256 14.15 -15.74 -2.35
CA PHE A 256 15.09 -16.07 -3.43
C PHE A 256 15.06 -17.53 -3.94
N GLU A 257 14.22 -18.35 -3.35
CA GLU A 257 14.19 -19.80 -3.63
C GLU A 257 13.44 -20.09 -4.92
N THR A 258 13.94 -21.06 -5.67
CA THR A 258 13.25 -21.61 -6.85
C THR A 258 13.08 -23.13 -6.69
N GLY A 259 12.11 -23.65 -7.42
CA GLY A 259 11.88 -25.09 -7.49
C GLY A 259 11.12 -25.76 -6.38
N ARG A 260 10.51 -24.97 -5.49
CA ARG A 260 9.61 -25.51 -4.47
C ARG A 260 8.15 -25.21 -4.79
N ALA A 261 7.29 -26.19 -4.50
CA ALA A 261 5.84 -26.03 -4.66
C ALA A 261 5.36 -24.92 -3.70
N ARG A 262 4.56 -24.01 -4.24
CA ARG A 262 3.87 -23.02 -3.39
C ARG A 262 2.86 -23.67 -2.44
N ASP A 263 2.58 -22.97 -1.35
CA ASP A 263 1.44 -23.29 -0.50
C ASP A 263 1.09 -22.06 0.35
N MET A 264 0.23 -22.20 1.35
CA MET A 264 -0.19 -21.03 2.15
C MET A 264 1.01 -20.33 2.77
N ARG A 265 2.11 -21.04 3.00
CA ARG A 265 3.29 -20.41 3.56
C ARG A 265 3.80 -19.25 2.64
N SER A 266 3.48 -19.33 1.35
CA SER A 266 3.82 -18.27 0.40
C SER A 266 3.23 -16.92 0.80
N TYR A 267 2.02 -16.91 1.36
CA TYR A 267 1.47 -15.59 1.73
C TYR A 267 2.12 -15.01 2.98
N ALA A 268 2.96 -15.83 3.65
CA ALA A 268 3.74 -15.40 4.81
C ALA A 268 5.23 -15.22 4.47
N SER A 269 5.50 -15.05 3.16
CA SER A 269 6.86 -15.00 2.67
C SER A 269 7.27 -13.73 1.90
N GLU A 270 6.35 -12.81 1.64
CA GLU A 270 6.75 -11.52 1.04
C GLU A 270 7.58 -10.77 2.11
N PRO A 271 8.81 -10.34 1.77
CA PRO A 271 9.62 -9.66 2.79
C PRO A 271 8.87 -8.50 3.47
N GLU A 272 9.04 -8.43 4.79
CA GLU A 272 8.36 -7.40 5.62
C GLU A 272 8.61 -5.99 5.11
N SER A 273 9.86 -5.66 4.84
CA SER A 273 10.19 -4.32 4.34
C SER A 273 9.61 -4.08 2.95
N MET A 274 9.39 -5.15 2.19
CA MET A 274 8.81 -4.97 0.87
C MET A 274 7.32 -4.55 0.95
N ILE A 275 6.62 -5.02 1.98
CA ILE A 275 5.25 -4.54 2.27
C ILE A 275 5.27 -2.97 2.41
N ALA A 276 6.25 -2.51 3.20
CA ALA A 276 6.49 -1.05 3.35
C ALA A 276 6.84 -0.34 2.04
N MET A 277 7.62 -0.99 1.19
CA MET A 277 7.92 -0.40 -0.12
C MET A 277 6.65 -0.24 -0.99
N GLU A 278 5.75 -1.23 -0.97
CA GLU A 278 4.43 -1.08 -1.60
C GLU A 278 3.64 0.14 -1.00
N MET A 279 3.70 0.31 0.32
CA MET A 279 3.06 1.47 0.93
C MET A 279 3.74 2.77 0.44
N MET A 280 5.08 2.76 0.31
CA MET A 280 5.77 3.93 -0.22
C MET A 280 5.29 4.36 -1.62
N ASN A 281 4.98 3.41 -2.52
CA ASN A 281 4.44 3.72 -3.83
C ASN A 281 3.13 4.51 -3.74
N VAL A 282 2.35 4.16 -2.72
CA VAL A 282 1.03 4.81 -2.49
C VAL A 282 1.26 6.20 -1.88
N TYR A 283 1.99 6.21 -0.78
CA TYR A 283 2.35 7.46 -0.05
C TYR A 283 2.90 8.54 -0.99
N THR A 284 3.96 8.20 -1.73
CA THR A 284 4.61 9.19 -2.60
C THR A 284 3.76 9.63 -3.78
N GLY A 285 2.72 8.84 -4.09
CA GLY A 285 1.71 9.15 -5.12
C GLY A 285 0.52 9.93 -4.60
N GLY A 286 0.59 10.34 -3.34
CA GLY A 286 -0.52 11.05 -2.72
C GLY A 286 -1.60 10.24 -2.01
N GLY A 287 -1.43 8.93 -1.99
CA GLY A 287 -2.35 8.04 -1.32
C GLY A 287 -2.36 8.19 0.19
N THR A 288 -3.49 7.84 0.79
CA THR A 288 -3.73 8.07 2.21
C THR A 288 -4.45 6.98 2.96
N VAL A 289 -4.78 5.87 2.28
CA VAL A 289 -5.48 4.77 2.90
C VAL A 289 -4.74 3.47 2.61
N TYR A 290 -4.45 2.70 3.66
CA TYR A 290 -3.62 1.48 3.61
C TYR A 290 -4.35 0.31 4.25
N ASN A 291 -4.49 -0.78 3.49
CA ASN A 291 -5.10 -2.00 3.92
C ASN A 291 -4.20 -3.16 3.48
N PHE A 292 -4.42 -4.35 4.04
CA PHE A 292 -3.47 -5.46 3.89
C PHE A 292 -4.14 -6.83 3.94
N GLU A 293 -3.58 -7.74 3.16
CA GLU A 293 -3.78 -9.18 3.33
C GLU A 293 -2.43 -9.84 3.07
N CYS A 294 -2.25 -11.11 3.42
CA CYS A 294 -3.12 -11.95 4.28
C CYS A 294 -2.79 -11.72 5.76
N ALA A 295 -3.84 -11.40 6.54
CA ALA A 295 -3.75 -10.94 7.93
C ALA A 295 -3.09 -11.89 8.88
N ALA A 296 -3.06 -13.20 8.52
CA ALA A 296 -2.30 -14.13 9.32
C ALA A 296 -0.82 -13.79 9.36
N TYR A 297 -0.33 -13.22 8.26
CA TYR A 297 1.02 -12.71 8.18
C TYR A 297 1.13 -11.21 8.49
N THR A 298 0.22 -10.45 7.90
CA THR A 298 0.33 -8.98 7.89
C THR A 298 -0.26 -8.30 9.15
N PHE A 299 -0.99 -9.03 9.99
CA PHE A 299 -1.62 -8.41 11.16
C PHE A 299 -1.41 -9.17 12.45
N MET A 300 -2.07 -10.32 12.62
CA MET A 300 -2.19 -10.92 13.97
C MET A 300 -2.74 -12.35 13.82
N THR A 301 -2.26 -13.26 14.68
CA THR A 301 -2.92 -14.52 14.93
C THR A 301 -2.91 -14.73 16.45
N ASN A 302 -4.00 -15.32 16.93
CA ASN A 302 -4.18 -15.60 18.36
C ASN A 302 -3.94 -14.34 19.23
N ASP A 303 -4.38 -13.19 18.68
CA ASP A 303 -4.20 -11.87 19.29
C ASP A 303 -2.74 -11.46 19.54
N VAL A 304 -1.81 -12.11 18.85
CA VAL A 304 -0.40 -11.77 18.89
C VAL A 304 0.00 -11.09 17.57
N PRO A 305 0.26 -9.79 17.60
CA PRO A 305 0.65 -9.10 16.36
C PRO A 305 1.95 -9.63 15.80
N THR A 306 2.03 -9.68 14.48
CA THR A 306 3.18 -10.26 13.79
C THR A 306 4.29 -9.23 13.58
N PRO A 307 5.54 -9.71 13.32
CA PRO A 307 6.63 -8.80 12.94
C PRO A 307 6.36 -8.01 11.67
N ALA A 308 5.65 -8.60 10.71
CA ALA A 308 5.30 -7.88 9.44
C ALA A 308 4.48 -6.65 9.82
N PHE A 309 3.61 -6.82 10.83
CA PHE A 309 2.81 -5.69 11.33
C PHE A 309 3.68 -4.69 12.11
N THR A 310 4.31 -5.17 13.16
CA THR A 310 5.03 -4.29 14.11
C THR A 310 6.32 -3.61 13.61
N LYS A 311 7.02 -4.32 12.71
CA LYS A 311 8.28 -3.92 12.21
C LYS A 311 8.31 -3.68 10.70
N GLY A 312 7.17 -3.87 10.01
CA GLY A 312 7.05 -3.60 8.59
C GLY A 312 6.02 -2.51 8.32
N ILE A 313 4.75 -2.79 8.59
CA ILE A 313 3.67 -1.84 8.32
C ILE A 313 3.69 -0.62 9.27
N ILE A 314 3.74 -0.88 10.55
CA ILE A 314 3.67 0.22 11.54
C ILE A 314 4.79 1.27 11.34
N PRO A 315 6.05 0.84 11.12
CA PRO A 315 7.08 1.89 10.96
C PRO A 315 6.81 2.81 9.77
N PHE A 316 6.32 2.25 8.65
CA PHE A 316 6.07 3.09 7.49
C PHE A 316 4.82 3.94 7.71
N PHE A 317 3.80 3.38 8.34
CA PHE A 317 2.59 4.17 8.62
C PHE A 317 2.91 5.34 9.58
N ARG A 318 3.78 5.10 10.57
CA ARG A 318 4.26 6.17 11.45
C ARG A 318 4.96 7.27 10.63
N HIS A 319 5.79 6.87 9.65
CA HIS A 319 6.38 7.84 8.74
C HIS A 319 5.30 8.71 8.09
N ALA A 320 4.23 8.07 7.63
CA ALA A 320 3.15 8.75 6.90
C ALA A 320 2.32 9.69 7.82
N ILE A 321 2.22 9.36 9.11
CA ILE A 321 1.58 10.25 10.10
C ILE A 321 2.47 11.47 10.35
N GLN A 322 3.76 11.22 10.52
CA GLN A 322 4.70 12.28 10.95
C GLN A 322 5.07 13.24 9.82
N ASN A 323 5.00 12.72 8.60
CA ASN A 323 5.37 13.45 7.40
C ASN A 323 4.26 13.33 6.38
N PRO A 324 3.32 14.31 6.34
CA PRO A 324 2.21 14.20 5.42
C PRO A 324 2.61 13.89 3.99
N ALA A 325 1.86 12.97 3.36
CA ALA A 325 2.05 12.68 1.94
C ALA A 325 1.92 13.91 1.07
N PRO A 326 2.45 13.84 -0.15
CA PRO A 326 2.19 14.93 -1.06
C PRO A 326 0.70 15.22 -1.20
N SER A 327 0.33 16.49 -1.08
CA SER A 327 -1.04 16.89 -1.29
C SER A 327 -1.48 16.83 -2.74
N LYS A 328 -2.79 16.93 -2.99
CA LYS A 328 -3.24 16.92 -4.38
C LYS A 328 -2.53 18.01 -5.22
N GLU A 329 -2.42 19.21 -4.66
CA GLU A 329 -1.81 20.30 -5.40
C GLU A 329 -0.29 20.08 -5.63
N GLU A 330 0.36 19.44 -4.65
CA GLU A 330 1.80 19.08 -4.85
C GLU A 330 1.96 18.05 -6.00
N VAL A 331 1.07 17.07 -6.03
CA VAL A 331 1.08 16.09 -7.12
C VAL A 331 0.76 16.75 -8.45
N VAL A 332 -0.28 17.56 -8.50
CA VAL A 332 -0.57 18.31 -9.73
C VAL A 332 0.65 19.13 -10.19
N ASN A 333 1.28 19.83 -9.26
CA ASN A 333 2.31 20.78 -9.64
C ASN A 333 3.62 20.16 -10.11
N ARG A 334 3.89 18.92 -9.71
CA ARG A 334 5.08 18.20 -10.16
C ARG A 334 4.84 17.42 -11.47
N THR A 335 3.59 17.39 -11.93
CA THR A 335 3.22 16.56 -13.09
C THR A 335 3.53 17.29 -14.39
N LYS A 336 4.44 16.72 -15.18
CA LYS A 336 4.81 17.32 -16.48
C LYS A 336 4.03 16.75 -17.67
N ALA A 337 3.48 15.56 -17.52
CA ALA A 337 2.64 14.94 -18.55
C ALA A 337 1.63 14.03 -17.90
N VAL A 338 0.47 13.89 -18.57
CA VAL A 338 -0.54 12.88 -18.23
C VAL A 338 -0.89 12.11 -19.46
N PHE A 339 -1.37 10.89 -19.26
CA PHE A 339 -1.92 10.10 -20.35
C PHE A 339 -3.44 10.11 -20.19
N TRP A 340 -4.11 10.63 -21.22
CA TRP A 340 -5.57 10.65 -21.30
C TRP A 340 -6.09 9.53 -22.18
N ASN A 341 -7.03 8.78 -21.61
CA ASN A 341 -7.67 7.64 -22.27
C ASN A 341 -8.67 8.04 -23.33
N GLY A 342 -8.76 9.33 -23.69
CA GLY A 342 -9.80 9.81 -24.64
C GLY A 342 -9.67 9.44 -26.11
N GLU A 343 -8.50 9.00 -26.56
CA GLU A 343 -8.28 8.59 -27.97
C GLU A 343 -7.65 7.17 -28.01
N GLY A 344 -8.14 6.31 -27.12
CA GLY A 344 -7.62 4.97 -26.94
C GLY A 344 -7.08 4.81 -25.54
N ARG A 345 -7.27 3.65 -24.95
CA ARG A 345 -7.12 3.47 -23.50
C ARG A 345 -5.82 2.78 -23.13
N ILE A 346 -5.33 3.10 -21.94
CA ILE A 346 -4.08 2.52 -21.44
C ILE A 346 -4.18 0.96 -21.37
N SER A 347 -5.40 0.43 -21.22
CA SER A 347 -5.60 -1.06 -21.25
C SER A 347 -5.19 -1.69 -22.58
N SER A 348 -5.11 -0.87 -23.63
CA SER A 348 -4.66 -1.35 -24.95
C SER A 348 -3.18 -1.05 -25.24
N LEU A 349 -2.44 -0.50 -24.28
CA LEU A 349 -0.99 -0.24 -24.43
C LEU A 349 -0.18 -1.06 -23.41
N ASN A 350 -0.13 -2.36 -23.61
CA ASN A 350 0.51 -3.21 -22.59
C ASN A 350 2.07 -3.23 -22.48
N GLY A 351 2.84 -2.62 -23.39
CA GLY A 351 4.12 -1.99 -22.95
C GLY A 351 4.42 -0.59 -22.52
N PHE A 352 3.41 0.15 -22.09
CA PHE A 352 3.61 1.56 -21.86
C PHE A 352 4.73 1.84 -20.86
N TYR A 353 4.77 1.08 -19.76
CA TYR A 353 5.68 1.45 -18.67
C TYR A 353 7.12 0.91 -18.87
N GLN A 354 7.29 0.06 -19.87
CA GLN A 354 8.65 -0.44 -20.24
C GLN A 354 9.54 0.72 -20.68
N GLY A 355 10.79 0.72 -20.28
CA GLY A 355 11.66 1.85 -20.56
C GLY A 355 11.48 3.09 -19.77
N LEU A 356 10.37 3.18 -19.03
CA LEU A 356 10.09 4.33 -18.18
C LEU A 356 10.33 3.97 -16.77
N TYR A 357 9.46 3.16 -16.18
CA TYR A 357 9.59 2.91 -14.77
C TYR A 357 9.11 1.61 -14.19
N SER A 358 8.57 0.73 -15.03
CA SER A 358 8.28 -0.62 -14.59
C SER A 358 8.54 -1.58 -15.74
N ASN A 359 9.48 -2.50 -15.52
CA ASN A 359 9.77 -3.58 -16.45
C ASN A 359 8.79 -4.74 -16.29
N ASP A 360 7.99 -4.74 -15.21
CA ASP A 360 7.21 -5.92 -14.85
C ASP A 360 5.96 -5.52 -14.05
N GLU A 361 4.86 -5.36 -14.77
CA GLU A 361 3.58 -4.95 -14.15
C GLU A 361 2.93 -6.06 -13.34
N THR A 362 3.51 -7.26 -13.32
CA THR A 362 3.00 -8.34 -12.49
C THR A 362 3.34 -8.13 -11.02
N MET A 363 4.32 -7.25 -10.77
CA MET A 363 4.80 -6.98 -9.42
C MET A 363 4.88 -5.47 -9.16
N PRO A 364 4.85 -5.11 -7.88
CA PRO A 364 4.58 -3.70 -7.56
C PRO A 364 5.76 -2.77 -7.59
N LEU A 365 6.99 -3.27 -7.48
CA LEU A 365 8.11 -2.35 -7.28
C LEU A 365 8.41 -1.58 -8.58
N TYR A 366 8.71 -0.29 -8.43
CA TYR A 366 9.11 0.54 -9.58
C TYR A 366 10.65 0.55 -9.73
N ASN A 367 11.15 0.61 -10.95
CA ASN A 367 12.61 0.66 -11.12
C ASN A 367 13.18 2.08 -10.97
N ASN A 368 12.34 3.05 -11.35
CA ASN A 368 12.76 4.44 -11.55
C ASN A 368 11.73 5.34 -10.88
N GLY A 369 12.18 6.42 -10.24
CA GLY A 369 11.31 7.43 -9.67
C GLY A 369 11.22 8.73 -10.44
N ARG A 370 11.91 8.79 -11.60
CA ARG A 370 12.07 9.97 -12.42
C ARG A 370 10.76 10.64 -12.83
N TYR A 371 9.72 9.84 -13.05
CA TYR A 371 8.45 10.33 -13.61
C TYR A 371 7.33 10.27 -12.53
N HIS A 372 7.68 9.90 -11.30
CA HIS A 372 6.70 9.61 -10.27
C HIS A 372 5.76 8.53 -10.80
N ILE A 373 4.56 8.43 -10.26
CA ILE A 373 3.45 7.73 -10.95
C ILE A 373 2.91 8.69 -12.04
N LEU A 374 2.97 8.29 -13.30
CA LEU A 374 2.42 9.10 -14.40
C LEU A 374 0.87 8.97 -14.36
N PRO A 375 0.13 10.05 -14.12
CA PRO A 375 -1.34 9.93 -14.07
C PRO A 375 -1.96 9.49 -15.40
N VAL A 376 -2.92 8.58 -15.30
CA VAL A 376 -3.81 8.25 -16.39
C VAL A 376 -5.15 8.86 -16.06
N ILE A 377 -5.65 9.70 -16.98
CA ILE A 377 -6.94 10.34 -16.80
C ILE A 377 -7.99 9.59 -17.63
N HIS A 378 -9.13 9.32 -17.00
CA HIS A 378 -10.20 8.52 -17.60
C HIS A 378 -10.88 9.27 -18.76
N GLU A 379 -11.42 8.51 -19.71
CA GLU A 379 -12.08 9.09 -20.88
C GLU A 379 -13.28 9.99 -20.58
N LYS A 380 -13.90 9.80 -19.42
CA LYS A 380 -15.10 10.55 -19.05
C LYS A 380 -14.77 11.99 -18.59
N ILE A 381 -13.48 12.25 -18.33
CA ILE A 381 -12.97 13.60 -18.08
C ILE A 381 -12.66 14.28 -19.43
N ASP A 382 -13.30 15.40 -19.73
CA ASP A 382 -13.00 16.13 -20.97
C ASP A 382 -11.61 16.71 -21.03
N LYS A 383 -11.07 16.87 -22.23
CA LYS A 383 -9.74 17.40 -22.39
C LYS A 383 -9.62 18.81 -21.81
N GLU A 384 -10.68 19.61 -21.98
CA GLU A 384 -10.72 20.97 -21.42
C GLU A 384 -10.54 20.95 -19.91
N LYS A 385 -11.16 19.95 -19.27
CA LYS A 385 -11.04 19.78 -17.82
C LYS A 385 -9.59 19.42 -17.41
N ILE A 386 -8.95 18.58 -18.21
CA ILE A 386 -7.54 18.23 -17.95
C ILE A 386 -6.66 19.47 -17.99
N SER A 387 -6.89 20.30 -19.01
CA SER A 387 -6.14 21.52 -19.22
C SER A 387 -6.34 22.44 -18.03
N SER A 388 -7.54 22.43 -17.47
CA SER A 388 -7.88 23.18 -16.28
C SER A 388 -7.18 22.70 -15.01
N ILE A 389 -7.10 21.38 -14.85
CA ILE A 389 -6.48 20.79 -13.66
C ILE A 389 -4.93 20.87 -13.75
N PHE A 390 -4.39 20.62 -14.96
CA PHE A 390 -2.93 20.48 -15.19
C PHE A 390 -2.54 21.48 -16.33
N PRO A 391 -2.67 22.79 -16.07
CA PRO A 391 -2.44 23.70 -17.20
C PRO A 391 -1.03 23.63 -17.82
N ASN A 392 -0.05 23.16 -17.05
CA ASN A 392 1.34 23.08 -17.48
C ASN A 392 1.77 21.70 -17.95
N ALA A 393 0.88 20.70 -17.90
CA ALA A 393 1.24 19.34 -18.34
C ALA A 393 0.96 19.08 -19.83
N LYS A 394 1.83 18.29 -20.47
CA LYS A 394 1.52 17.77 -21.79
C LYS A 394 0.45 16.72 -21.65
N ILE A 395 -0.57 16.78 -22.50
CA ILE A 395 -1.58 15.73 -22.54
C ILE A 395 -1.21 14.71 -23.65
N LEU A 396 -0.77 13.53 -23.24
CA LEU A 396 -0.48 12.43 -24.19
C LEU A 396 -1.75 11.62 -24.40
N THR A 397 -1.95 11.15 -25.62
CA THR A 397 -3.02 10.21 -25.91
C THR A 397 -2.40 9.07 -26.73
N LYS A 398 -3.17 8.02 -26.99
CA LYS A 398 -2.66 6.87 -27.70
C LYS A 398 -2.23 7.26 -29.10
N ASN A 399 -2.81 8.32 -29.63
CA ASN A 399 -2.51 8.83 -30.99
C ASN A 399 -1.46 9.95 -31.02
N SER A 400 -0.84 10.22 -29.89
CA SER A 400 0.23 11.21 -29.84
C SER A 400 1.43 10.79 -30.69
N GLU A 401 1.84 11.66 -31.61
CA GLU A 401 3.03 11.39 -32.45
C GLU A 401 4.26 11.09 -31.61
N GLU A 402 4.33 11.74 -30.46
CA GLU A 402 5.52 11.67 -29.57
C GLU A 402 5.82 10.27 -29.05
N LEU A 403 4.79 9.43 -28.99
CA LEU A 403 4.94 8.06 -28.49
C LEU A 403 5.77 7.17 -29.42
N SER A 404 6.09 7.67 -30.61
CA SER A 404 6.98 6.95 -31.50
C SER A 404 8.38 6.91 -30.88
N SER A 405 8.72 7.93 -30.08
CA SER A 405 9.89 7.86 -29.23
C SER A 405 9.51 8.30 -27.79
N LYS A 406 8.74 7.41 -27.20
CA LYS A 406 8.10 7.64 -25.91
C LYS A 406 9.12 8.04 -24.82
N VAL A 407 10.18 7.26 -24.68
CA VAL A 407 11.13 7.50 -23.60
C VAL A 407 11.89 8.81 -23.79
N ASN A 408 12.38 9.04 -25.01
CA ASN A 408 13.07 10.30 -25.29
C ASN A 408 12.16 11.50 -25.03
N TYR A 409 10.89 11.40 -25.44
CA TYR A 409 9.97 12.51 -25.25
C TYR A 409 9.71 12.79 -23.76
N LEU A 410 9.34 11.76 -23.01
CA LEU A 410 9.12 11.97 -21.57
C LEU A 410 10.40 12.44 -20.89
N ASN A 411 11.57 11.94 -21.30
CA ASN A 411 12.82 12.45 -20.75
C ASN A 411 13.07 13.92 -21.02
N SER A 412 12.47 14.44 -22.09
CA SER A 412 12.60 15.87 -22.39
C SER A 412 11.77 16.75 -21.43
N LEU A 413 10.81 16.12 -20.75
CA LEU A 413 9.94 16.78 -19.78
C LEU A 413 10.33 16.56 -18.31
N TYR A 414 10.80 15.35 -18.00
CA TYR A 414 11.20 14.99 -16.66
C TYR A 414 12.72 14.81 -16.68
N PRO A 415 13.46 15.76 -16.11
CA PRO A 415 14.91 15.59 -16.10
C PRO A 415 15.40 14.41 -15.28
N LYS A 416 16.56 13.89 -15.67
CA LYS A 416 17.19 12.80 -14.92
C LYS A 416 17.80 13.40 -13.65
N LEU A 417 17.45 12.81 -12.51
CA LEU A 417 17.82 13.37 -11.21
C LEU A 417 18.86 12.60 -10.41
N TYR A 418 19.17 11.36 -10.80
CA TYR A 418 20.17 10.62 -10.06
C TYR A 418 20.84 9.61 -10.99
N GLU A 419 21.94 9.04 -10.52
CA GLU A 419 22.66 7.99 -11.22
C GLU A 419 22.59 6.68 -10.44
N GLY A 420 22.76 5.58 -11.15
CA GLY A 420 22.72 4.24 -10.55
C GLY A 420 21.55 3.43 -11.04
N ASP A 421 21.41 2.24 -10.46
CA ASP A 421 20.39 1.27 -10.85
C ASP A 421 19.30 1.02 -9.80
N GLY A 422 19.35 1.69 -8.64
CA GLY A 422 18.28 1.67 -7.66
C GLY A 422 17.10 2.52 -8.06
N TYR A 423 16.04 2.42 -7.26
CA TYR A 423 14.85 3.26 -7.39
C TYR A 423 15.06 4.48 -6.48
N ALA A 424 14.93 5.66 -7.07
CA ALA A 424 14.90 6.92 -6.28
C ALA A 424 13.93 7.91 -6.89
N GLN A 425 13.17 8.55 -6.01
CA GLN A 425 12.15 9.54 -6.37
C GLN A 425 12.36 10.78 -5.50
N ARG A 426 12.41 11.95 -6.14
CA ARG A 426 12.47 13.23 -5.41
C ARG A 426 11.04 13.68 -5.11
N VAL A 427 10.78 13.91 -3.83
CA VAL A 427 9.47 14.32 -3.31
C VAL A 427 9.71 15.55 -2.45
N GLY A 428 9.49 16.73 -3.00
CA GLY A 428 9.79 17.96 -2.26
C GLY A 428 11.24 18.00 -1.85
N ASN A 429 11.50 18.16 -0.55
CA ASN A 429 12.87 18.23 -0.03
C ASN A 429 13.41 16.88 0.43
N SER A 430 12.84 15.80 -0.09
CA SER A 430 13.28 14.46 0.28
C SER A 430 13.55 13.54 -0.92
N TRP A 431 14.40 12.53 -0.69
CA TRP A 431 14.57 11.41 -1.57
C TRP A 431 13.91 10.19 -0.94
N TYR A 432 13.13 9.48 -1.74
CA TYR A 432 12.49 8.20 -1.38
C TYR A 432 13.17 7.11 -2.26
N ILE A 433 13.71 6.08 -1.62
CA ILE A 433 14.67 5.18 -2.25
C ILE A 433 14.36 3.72 -1.88
N TYR A 434 14.55 2.81 -2.83
CA TYR A 434 14.61 1.38 -2.53
C TYR A 434 15.34 0.57 -3.58
N ASN A 435 15.70 -0.65 -3.17
CA ASN A 435 16.22 -1.65 -4.08
C ASN A 435 14.98 -2.31 -4.73
N SER A 436 14.92 -2.29 -6.06
CA SER A 436 13.75 -2.71 -6.82
C SER A 436 13.65 -4.21 -7.15
N ASN A 437 14.61 -5.00 -6.64
CA ASN A 437 14.60 -6.45 -6.87
C ASN A 437 13.70 -7.22 -5.89
N ALA A 438 12.57 -7.73 -6.39
CA ALA A 438 11.58 -8.38 -5.51
C ALA A 438 12.08 -9.72 -4.97
N ASN A 439 12.69 -10.53 -5.86
CA ASN A 439 13.04 -11.90 -5.43
C ASN A 439 14.33 -12.44 -6.08
N ILE A 440 15.26 -11.53 -6.33
CA ILE A 440 16.59 -11.79 -6.85
C ILE A 440 17.57 -11.12 -5.90
N ASN A 441 18.60 -11.82 -5.46
CA ASN A 441 19.47 -11.36 -4.43
C ASN A 441 20.67 -10.58 -4.95
N LYS A 442 20.41 -9.33 -5.37
CA LYS A 442 21.42 -8.47 -5.98
C LYS A 442 21.29 -7.05 -5.46
N ASN A 443 22.40 -6.46 -5.10
CA ASN A 443 22.41 -5.09 -4.59
C ASN A 443 22.24 -4.07 -5.68
N GLN A 444 21.73 -2.88 -5.30
CA GLN A 444 21.64 -1.73 -6.19
C GLN A 444 22.26 -0.52 -5.52
N GLN A 445 22.69 0.40 -6.37
CA GLN A 445 23.34 1.62 -5.92
C GLN A 445 22.65 2.83 -6.52
N VAL A 446 22.62 3.91 -5.73
CA VAL A 446 22.22 5.20 -6.21
C VAL A 446 23.24 6.23 -5.77
N MET A 447 23.42 7.21 -6.66
CA MET A 447 24.18 8.43 -6.36
C MET A 447 23.20 9.57 -6.56
N LEU A 448 22.89 10.25 -5.45
CA LEU A 448 21.87 11.27 -5.36
C LEU A 448 22.48 12.67 -5.18
N PRO A 449 22.39 13.49 -6.22
CA PRO A 449 22.69 14.92 -6.03
C PRO A 449 21.80 15.45 -4.92
N MET A 450 22.32 16.41 -4.16
CA MET A 450 21.56 16.98 -3.06
C MET A 450 21.25 18.45 -3.35
N TYR A 451 20.19 18.95 -2.71
CA TYR A 451 19.58 20.23 -3.09
C TYR A 451 19.88 21.33 -2.06
N THR A 452 20.65 20.98 -1.06
CA THR A 452 21.19 21.92 -0.06
C THR A 452 22.69 21.69 0.04
N ASN A 453 23.40 22.60 0.67
CA ASN A 453 24.84 22.43 0.88
C ASN A 453 25.21 21.68 2.18
N ASN A 454 24.25 20.95 2.79
CA ASN A 454 24.58 19.99 3.88
C ASN A 454 25.67 19.00 3.38
N THR A 455 25.49 18.56 2.13
CA THR A 455 26.44 17.72 1.40
C THR A 455 26.23 17.90 -0.09
N LYS A 456 27.23 17.59 -0.91
CA LYS A 456 27.06 17.74 -2.35
C LYS A 456 26.27 16.58 -2.94
N SER A 457 26.63 15.35 -2.56
CA SER A 457 25.89 14.20 -3.02
C SER A 457 25.89 13.14 -1.95
N LEU A 458 24.92 12.23 -2.06
CA LEU A 458 24.75 11.15 -1.09
C LEU A 458 24.58 9.87 -1.91
N SER A 459 25.42 8.91 -1.65
CA SER A 459 25.26 7.59 -2.26
C SER A 459 24.81 6.50 -1.29
N LEU A 460 24.13 5.47 -1.84
CA LEU A 460 23.70 4.32 -1.07
C LEU A 460 23.96 3.03 -1.85
N ASP A 461 24.42 2.01 -1.11
CA ASP A 461 24.50 0.65 -1.58
C ASP A 461 23.50 -0.11 -0.74
N LEU A 462 22.53 -0.73 -1.45
CA LEU A 462 21.34 -1.27 -0.85
C LEU A 462 21.17 -2.75 -1.21
N THR A 463 21.03 -3.60 -0.21
CA THR A 463 20.67 -4.97 -0.46
C THR A 463 19.19 -5.07 -0.79
N PRO A 464 18.75 -6.18 -1.38
CA PRO A 464 17.33 -6.34 -1.56
C PRO A 464 16.49 -6.12 -0.30
N HIS A 465 15.28 -5.59 -0.50
CA HIS A 465 14.31 -5.39 0.59
C HIS A 465 14.88 -4.38 1.62
N THR A 466 15.47 -3.33 1.05
CA THR A 466 15.93 -2.16 1.80
C THR A 466 15.31 -0.92 1.19
N TYR A 467 14.71 -0.08 2.06
CA TYR A 467 14.27 1.24 1.67
C TYR A 467 14.95 2.31 2.55
N ALA A 468 14.95 3.52 2.00
CA ALA A 468 15.53 4.69 2.68
C ALA A 468 14.72 5.92 2.36
N VAL A 469 14.70 6.85 3.32
CA VAL A 469 14.15 8.17 3.11
C VAL A 469 15.17 9.16 3.61
N VAL A 470 15.52 10.11 2.76
CA VAL A 470 16.47 11.15 3.16
C VAL A 470 15.79 12.52 3.04
N LYS A 471 15.62 13.19 4.17
CA LYS A 471 15.04 14.53 4.19
C LYS A 471 16.11 15.60 4.39
N GLU A 472 16.10 16.60 3.52
CA GLU A 472 17.01 17.74 3.63
C GLU A 472 16.31 18.88 4.37
N ASN A 473 16.71 19.08 5.63
CA ASN A 473 16.32 20.27 6.37
C ASN A 473 17.33 21.34 6.03
N PRO A 474 17.07 22.59 6.45
CA PRO A 474 18.06 23.61 6.15
C PRO A 474 19.50 23.31 6.56
N ASN A 475 19.67 22.77 7.77
CA ASN A 475 21.01 22.58 8.32
C ASN A 475 21.30 21.21 8.89
N ASN A 476 20.46 20.23 8.52
CA ASN A 476 20.74 18.84 8.82
C ASN A 476 20.07 17.97 7.80
N LEU A 477 20.52 16.73 7.75
CA LEU A 477 19.87 15.66 7.01
C LEU A 477 19.25 14.66 7.99
N HIS A 478 18.00 14.23 7.72
CA HIS A 478 17.45 13.13 8.49
C HIS A 478 17.34 11.94 7.61
N ILE A 479 17.89 10.80 8.06
CA ILE A 479 17.96 9.61 7.22
C ILE A 479 17.27 8.46 7.95
N LEU A 480 16.33 7.82 7.24
CA LEU A 480 15.65 6.62 7.68
C LEU A 480 16.07 5.45 6.76
N LEU A 481 16.54 4.37 7.38
CA LEU A 481 16.85 3.10 6.68
C LEU A 481 15.97 2.03 7.27
N ASN A 482 15.45 1.16 6.41
CA ASN A 482 14.81 -0.02 6.98
C ASN A 482 14.94 -1.19 6.01
N ASN A 483 15.52 -2.29 6.51
CA ASN A 483 15.64 -3.48 5.68
C ASN A 483 15.05 -4.74 6.32
N TYR A 484 14.06 -4.57 7.20
CA TYR A 484 13.60 -5.70 8.05
C TYR A 484 13.11 -6.85 7.18
N ARG A 485 13.72 -8.03 7.32
CA ARG A 485 13.27 -9.22 6.64
C ARG A 485 13.64 -10.39 7.52
N THR A 486 12.65 -11.12 8.01
CA THR A 486 12.92 -12.33 8.81
C THR A 486 13.27 -13.49 7.86
N ASP A 487 14.08 -14.44 8.35
CA ASP A 487 14.37 -15.66 7.61
C ASP A 487 13.14 -16.60 7.67
N LYS A 488 12.60 -16.95 6.50
CA LYS A 488 11.39 -17.78 6.40
C LYS A 488 11.73 -19.27 6.31
N THR A 489 13.02 -19.60 6.39
CA THR A 489 13.46 -21.00 6.24
C THR A 489 12.77 -21.96 7.23
N ALA A 490 12.69 -21.59 8.51
CA ALA A 490 12.06 -22.50 9.49
C ALA A 490 10.61 -22.87 9.09
N MET A 491 9.85 -21.86 8.67
CA MET A 491 8.46 -22.10 8.33
C MET A 491 8.39 -23.06 7.13
N TRP A 492 9.28 -22.86 6.15
CA TRP A 492 9.29 -23.70 4.94
C TRP A 492 9.78 -25.10 5.20
N ALA A 493 10.48 -25.31 6.33
CA ALA A 493 11.01 -26.64 6.71
C ALA A 493 9.99 -27.55 7.40
N LEU A 494 8.84 -27.01 7.77
CA LEU A 494 7.86 -27.77 8.54
C LEU A 494 7.25 -28.87 7.69
N SER A 495 6.96 -30.00 8.32
CA SER A 495 6.14 -31.04 7.72
C SER A 495 4.67 -30.66 7.75
N GLY A 496 3.90 -31.17 6.79
CA GLY A 496 2.46 -30.92 6.78
C GLY A 496 1.94 -30.46 5.44
N ASN A 497 0.62 -30.55 5.30
CA ASN A 497 -0.12 -30.02 4.17
C ASN A 497 -0.57 -28.60 4.53
N PHE A 498 -0.08 -27.63 3.76
CA PHE A 498 -0.49 -26.22 3.89
C PHE A 498 -1.05 -25.69 2.56
N ASP A 499 -1.55 -26.57 1.70
CA ASP A 499 -2.08 -26.13 0.41
C ASP A 499 -3.22 -25.11 0.58
N ALA A 500 -3.28 -24.17 -0.35
CA ALA A 500 -4.30 -23.11 -0.36
C ALA A 500 -5.72 -23.67 -0.46
N SER A 501 -5.84 -24.93 -0.90
CA SER A 501 -7.16 -25.59 -0.83
C SER A 501 -7.67 -25.73 0.62
N LYS A 502 -6.76 -25.55 1.60
CA LYS A 502 -7.14 -25.60 3.01
C LYS A 502 -7.30 -24.21 3.64
N SER A 503 -7.37 -23.17 2.80
CA SER A 503 -7.79 -21.84 3.27
C SER A 503 -9.12 -21.99 4.01
N TRP A 504 -9.28 -21.32 5.15
CA TRP A 504 -10.51 -21.34 5.92
C TRP A 504 -10.77 -22.72 6.59
N LYS A 505 -9.76 -23.59 6.62
CA LYS A 505 -9.84 -24.92 7.26
C LYS A 505 -8.75 -25.10 8.33
N LYS A 506 -8.78 -26.24 9.04
CA LYS A 506 -7.90 -26.48 10.18
C LYS A 506 -6.40 -26.32 9.87
N GLU A 507 -5.98 -26.71 8.67
CA GLU A 507 -4.57 -26.61 8.31
C GLU A 507 -4.11 -25.14 8.34
N GLU A 508 -5.01 -24.24 7.93
CA GLU A 508 -4.68 -22.82 7.94
C GLU A 508 -4.54 -22.35 9.38
N LEU A 509 -5.42 -22.83 10.26
CA LEU A 509 -5.28 -22.51 11.68
C LEU A 509 -3.98 -23.05 12.29
N GLU A 510 -3.55 -24.26 11.87
CA GLU A 510 -2.25 -24.80 12.33
C GLU A 510 -1.12 -23.87 11.98
N LEU A 511 -1.12 -23.37 10.73
CA LEU A 511 -0.10 -22.40 10.32
C LEU A 511 -0.16 -21.14 11.19
N ALA A 512 -1.38 -20.67 11.43
CA ALA A 512 -1.60 -19.43 12.25
C ALA A 512 -1.09 -19.66 13.70
N ASN A 513 -1.32 -20.86 14.23
CA ASN A 513 -0.89 -21.21 15.56
C ASN A 513 0.64 -21.23 15.63
N TRP A 514 1.27 -21.87 14.62
CA TRP A 514 2.73 -21.91 14.54
C TRP A 514 3.28 -20.48 14.49
N ILE A 515 2.65 -19.63 13.69
CA ILE A 515 3.08 -18.24 13.58
C ILE A 515 3.09 -17.58 14.95
N SER A 516 2.02 -17.77 15.70
CA SER A 516 1.91 -17.08 17.01
C SER A 516 2.94 -17.52 18.04
N LYS A 517 3.54 -18.71 17.85
CA LYS A 517 4.51 -19.25 18.77
C LYS A 517 5.94 -19.28 18.27
N ASN A 518 6.14 -19.05 16.97
CA ASN A 518 7.50 -19.13 16.38
C ASN A 518 7.79 -17.76 15.77
N TYR A 519 7.35 -17.55 14.55
CA TYR A 519 7.59 -16.29 13.85
C TYR A 519 7.35 -15.05 14.73
N SER A 520 6.21 -14.98 15.42
CA SER A 520 5.86 -13.75 16.13
C SER A 520 6.58 -13.54 17.47
N ILE A 521 7.16 -14.59 18.03
CA ILE A 521 7.80 -14.41 19.34
C ILE A 521 9.31 -14.65 19.30
N ASN A 522 9.78 -15.54 18.43
CA ASN A 522 11.21 -15.71 18.15
C ASN A 522 11.50 -15.57 16.65
N PRO A 523 11.22 -14.38 16.11
CA PRO A 523 11.52 -14.16 14.69
C PRO A 523 12.99 -14.37 14.41
N VAL A 524 13.30 -14.99 13.28
CA VAL A 524 14.69 -15.31 12.94
C VAL A 524 15.23 -14.09 12.18
N ASP A 525 15.65 -13.07 12.93
CA ASP A 525 15.97 -11.76 12.37
C ASP A 525 17.33 -11.24 12.83
N ASN A 526 18.23 -12.18 13.13
CA ASN A 526 19.59 -11.86 13.57
C ASN A 526 20.64 -11.91 12.46
N ASP A 527 20.22 -12.17 11.22
CA ASP A 527 21.14 -12.09 10.09
C ASP A 527 21.11 -10.63 9.63
N PHE A 528 22.21 -9.91 9.80
CA PHE A 528 22.30 -8.50 9.41
C PHE A 528 22.78 -8.42 7.95
N ARG A 529 22.40 -7.33 7.27
CA ARG A 529 22.80 -7.02 5.90
C ARG A 529 23.30 -5.56 5.95
N THR A 530 24.19 -5.21 5.05
CA THR A 530 24.88 -3.92 5.10
C THR A 530 24.32 -2.89 4.09
N THR A 531 24.02 -1.70 4.60
CA THR A 531 23.66 -0.53 3.82
C THR A 531 24.81 0.43 4.04
N THR A 532 25.40 0.89 2.93
CA THR A 532 26.55 1.81 3.01
C THR A 532 26.06 3.17 2.52
N LEU A 533 26.26 4.18 3.36
CA LEU A 533 25.83 5.55 3.07
C LEU A 533 27.08 6.45 3.00
N THR A 534 27.25 7.16 1.88
CA THR A 534 28.41 8.00 1.67
C THR A 534 27.98 9.43 1.35
N LEU A 535 28.45 10.37 2.17
CA LEU A 535 28.15 11.79 1.98
C LEU A 535 29.41 12.44 1.42
N SER A 536 29.32 12.91 0.20
CA SER A 536 30.43 13.52 -0.50
C SER A 536 30.28 15.00 -0.39
N GLY A 537 31.28 15.64 0.18
CA GLY A 537 31.38 17.07 0.16
C GLY A 537 30.56 17.54 1.30
N HIS A 538 30.68 16.87 2.44
CA HIS A 538 29.94 17.28 3.62
C HIS A 538 30.68 18.49 4.25
N THR A 539 30.01 19.64 4.18
CA THR A 539 30.68 20.97 4.23
C THR A 539 31.69 21.27 5.36
N GLY A 540 31.28 20.99 6.61
CA GLY A 540 32.09 21.34 7.81
C GLY A 540 33.26 20.41 8.11
N HIS A 541 33.36 20.00 9.36
CA HIS A 541 34.37 19.00 9.76
C HIS A 541 33.63 17.70 10.10
N LYS A 542 34.33 16.72 10.69
CA LYS A 542 33.72 15.41 10.97
C LYS A 542 32.29 15.63 11.51
N PRO A 543 31.26 15.10 10.78
CA PRO A 543 29.92 15.12 11.32
C PRO A 543 29.83 14.40 12.66
N GLN A 544 29.04 14.96 13.57
CA GLN A 544 28.69 14.30 14.80
C GLN A 544 27.26 13.78 14.61
N ILE A 545 27.14 12.49 14.38
CA ILE A 545 25.85 11.83 14.12
C ILE A 545 25.03 11.59 15.40
N ASN A 546 23.73 11.66 15.24
CA ASN A 546 22.77 11.17 16.21
C ASN A 546 22.15 9.95 15.57
N ILE A 547 22.28 8.79 16.19
CA ILE A 547 21.80 7.54 15.57
C ILE A 547 21.03 6.69 16.55
N SER A 548 19.98 6.03 16.06
CA SER A 548 19.22 5.11 16.84
C SER A 548 18.65 4.05 15.89
N GLY A 549 18.04 3.03 16.47
CA GLY A 549 17.47 1.97 15.64
C GLY A 549 16.81 0.92 16.44
N ASP A 550 16.33 -0.12 15.75
CA ASP A 550 15.70 -1.23 16.46
C ASP A 550 16.72 -1.87 17.41
N LYS A 551 16.31 -2.00 18.66
CA LYS A 551 17.22 -2.49 19.70
C LYS A 551 17.82 -3.86 19.32
N ASN A 552 19.14 -4.01 19.48
CA ASN A 552 19.91 -5.22 19.18
C ASN A 552 19.89 -5.66 17.73
N HIS A 553 19.47 -4.77 16.85
CA HIS A 553 19.34 -5.10 15.42
C HIS A 553 20.16 -4.21 14.48
N TYR A 554 21.19 -3.53 15.03
CA TYR A 554 22.15 -2.87 14.16
C TYR A 554 23.50 -2.60 14.80
N THR A 555 24.51 -2.58 13.95
CA THR A 555 25.81 -2.05 14.25
C THR A 555 26.26 -1.12 13.14
N TYR A 556 27.29 -0.31 13.40
CA TYR A 556 27.80 0.59 12.38
C TYR A 556 29.27 0.94 12.56
N THR A 557 29.91 1.29 11.45
CA THR A 557 31.26 1.86 11.43
C THR A 557 31.18 3.19 10.70
N GLU A 558 31.95 4.17 11.18
CA GLU A 558 32.04 5.50 10.55
C GLU A 558 33.43 5.68 9.94
N ASN A 559 33.53 6.52 8.92
CA ASN A 559 34.79 6.84 8.29
C ASN A 559 34.73 8.29 7.79
N TRP A 560 35.71 9.10 8.17
CA TRP A 560 35.79 10.47 7.69
C TRP A 560 37.12 10.70 6.98
N ASP A 561 37.07 11.30 5.79
CA ASP A 561 38.30 11.70 5.09
C ASP A 561 38.34 13.23 5.14
N GLU A 562 39.24 13.77 5.95
CA GLU A 562 39.29 15.21 6.17
C GLU A 562 39.73 15.97 4.91
N ASN A 563 40.51 15.34 4.04
CA ASN A 563 40.94 16.03 2.81
C ASN A 563 39.89 16.15 1.73
N THR A 564 39.10 15.09 1.55
CA THR A 564 38.06 15.03 0.54
C THR A 564 36.70 15.44 1.11
N HIS A 565 36.61 15.56 2.43
CA HIS A 565 35.34 15.87 3.12
C HIS A 565 34.28 14.82 2.80
N VAL A 566 34.71 13.57 2.85
CA VAL A 566 33.79 12.45 2.61
C VAL A 566 33.51 11.70 3.90
N TYR A 567 32.24 11.57 4.25
CA TYR A 567 31.84 10.82 5.42
C TYR A 567 31.16 9.54 4.92
N THR A 568 31.56 8.38 5.45
CA THR A 568 30.89 7.11 5.13
C THR A 568 30.42 6.45 6.44
N ILE A 569 29.16 6.05 6.46
CA ILE A 569 28.67 5.19 7.53
C ILE A 569 28.21 3.86 6.93
N THR A 570 28.75 2.78 7.49
CA THR A 570 28.46 1.40 7.07
C THR A 570 27.58 0.84 8.14
N VAL A 571 26.31 0.57 7.81
CA VAL A 571 25.31 0.14 8.79
C VAL A 571 24.99 -1.33 8.53
N ASN A 572 25.22 -2.20 9.51
CA ASN A 572 24.82 -3.63 9.41
C ASN A 572 23.57 -3.81 10.23
N HIS A 573 22.47 -4.20 9.60
CA HIS A 573 21.18 -4.13 10.28
C HIS A 573 20.20 -5.18 9.77
N ASN A 574 19.21 -5.48 10.60
CA ASN A 574 18.00 -6.17 10.14
C ASN A 574 16.85 -5.49 10.85
N GLY A 575 16.35 -4.43 10.22
CA GLY A 575 15.38 -3.56 10.87
C GLY A 575 15.63 -2.10 10.54
N MET A 576 15.05 -1.25 11.39
CA MET A 576 15.08 0.20 11.26
C MET A 576 16.38 0.80 11.86
N VAL A 577 16.93 1.80 11.16
CA VAL A 577 18.01 2.65 11.68
C VAL A 577 17.65 4.08 11.27
N GLU A 578 17.76 5.02 12.19
CA GLU A 578 17.49 6.44 11.93
C GLU A 578 18.70 7.28 12.34
N MET A 579 19.01 8.33 11.57
CA MET A 579 20.15 9.21 11.86
C MET A 579 19.80 10.64 11.59
N SER A 580 20.41 11.54 12.35
CA SER A 580 20.39 12.99 12.07
C SER A 580 21.86 13.40 11.95
N ILE A 581 22.20 14.07 10.86
CA ILE A 581 23.59 14.44 10.54
C ILE A 581 23.64 15.97 10.26
#